data_2PTW
#
_entry.id   2PTW
#
_cell.length_a   73.617
_cell.length_b   111.259
_cell.length_c   109.969
_cell.angle_alpha   90.00
_cell.angle_beta   90.00
_cell.angle_gamma   90.00
#
_symmetry.space_group_name_H-M   'C 2 2 21'
#
loop_
_entity.id
_entity.type
_entity.pdbx_description
1 polymer Enolase
2 non-polymer 'ZINC ION'
3 non-polymer 'SULFATE ION'
4 non-polymer 1,2-ETHANEDIOL
5 water water
#
_entity_poly.entity_id   1
_entity_poly.type   'polypeptide(L)'
_entity_poly.pdbx_seq_one_letter_code
;GSHMTIQKVHGREVLDSRGNPTVEVEVTTEKGVFRSAVPSGASTGVYEACELRDGDKKRYVGKGCLQAVKNVNEVIGPAL
IGRDELKQEELDTLMLRLDGTPNKGKLGANAILGCSMAISKAAAAAKGVPLYRYLASLAGTKELRLPVPCFNVINGGKHA
GNALPFQEFMIAPVKATSFSEALRMGSEVYHSLRGIIKKKYGQDAVNVGDEGGFAPPIKDINEPLPILMEAIEEAGHRGK
FAICMDCAASETYDEKKQQYNLTFKSPEPTWVTAEQLRETYCKWAHDYPIVSIEDPYDQDDFAGFAGITEALKGKTQIVG
DDLTVTNTERIKMAIEKKACNSLLLKINQIGTISEAIASSKLCMENGWSVMVSHRSGETEDTYIADLVVALGSGQIKTGA
PCRGERTAKLNQLLRIEEELGAHAKFGFPGWS
;
_entity_poly.pdbx_strand_id   A
#
loop_
_chem_comp.id
_chem_comp.type
_chem_comp.name
_chem_comp.formula
EDO non-polymer 1,2-ETHANEDIOL 'C2 H6 O2'
SO4 non-polymer 'SULFATE ION' 'O4 S -2'
ZN non-polymer 'ZINC ION' 'Zn 2'
#
# COMPACT_ATOMS: atom_id res chain seq x y z
N HIS A 3 -17.74 -25.75 16.92
CA HIS A 3 -16.47 -26.52 16.76
C HIS A 3 -15.63 -25.89 15.62
N MET A 4 -16.37 -25.31 14.67
CA MET A 4 -15.79 -24.62 13.52
C MET A 4 -15.30 -23.19 13.85
N THR A 5 -15.47 -22.76 15.12
CA THR A 5 -15.17 -21.37 15.62
C THR A 5 -13.72 -21.06 16.11
N ILE A 6 -13.53 -19.84 16.61
CA ILE A 6 -12.19 -19.37 17.00
C ILE A 6 -11.74 -20.06 18.30
N GLN A 7 -10.60 -20.74 18.23
CA GLN A 7 -10.07 -21.47 19.40
C GLN A 7 -9.06 -20.74 20.23
N LYS A 8 -8.20 -19.97 19.56
CA LYS A 8 -7.09 -19.24 20.18
C LYS A 8 -6.78 -17.97 19.36
N VAL A 9 -6.39 -16.91 20.08
CA VAL A 9 -5.96 -15.65 19.46
C VAL A 9 -4.69 -15.28 20.25
N HIS A 10 -3.60 -15.08 19.55
CA HIS A 10 -2.36 -14.80 20.26
C HIS A 10 -1.60 -13.77 19.45
N GLY A 11 -1.09 -12.74 20.15
CA GLY A 11 -0.24 -11.68 19.54
C GLY A 11 1.21 -11.82 19.96
N ARG A 12 2.11 -11.33 19.10
CA ARG A 12 3.54 -11.25 19.48
C ARG A 12 4.17 -10.09 18.76
N GLU A 13 5.30 -9.63 19.29
CA GLU A 13 6.13 -8.66 18.59
C GLU A 13 6.95 -9.41 17.58
N VAL A 14 7.04 -8.86 16.38
CA VAL A 14 8.03 -9.29 15.37
C VAL A 14 8.75 -8.06 14.80
N LEU A 15 9.75 -8.27 13.95
CA LEU A 15 10.48 -7.14 13.40
C LEU A 15 9.98 -6.83 12.03
N ASP A 16 9.88 -5.53 11.73
CA ASP A 16 9.63 -5.15 10.38
C ASP A 16 10.96 -5.01 9.56
N SER A 17 10.81 -4.71 8.28
CA SER A 17 11.91 -4.71 7.33
C SER A 17 12.93 -3.57 7.57
N ARG A 18 12.65 -2.68 8.54
CA ARG A 18 13.59 -1.67 9.00
C ARG A 18 14.21 -2.06 10.30
N GLY A 19 13.74 -3.17 10.87
CA GLY A 19 14.30 -3.65 12.11
C GLY A 19 13.57 -3.10 13.32
N ASN A 20 12.38 -2.54 13.11
CA ASN A 20 11.60 -2.01 14.21
C ASN A 20 10.51 -3.03 14.58
N PRO A 21 10.18 -3.16 15.87
CA PRO A 21 9.07 -4.05 16.22
C PRO A 21 7.71 -3.64 15.66
N THR A 22 6.94 -4.66 15.33
CA THR A 22 5.53 -4.52 15.04
C THR A 22 4.79 -5.73 15.63
N VAL A 23 3.47 -5.76 15.41
CA VAL A 23 2.53 -6.76 15.93
C VAL A 23 2.18 -7.78 14.84
N GLU A 24 2.23 -9.05 15.23
CA GLU A 24 1.75 -10.16 14.39
C GLU A 24 0.70 -10.85 15.25
N VAL A 25 -0.39 -11.31 14.62
CA VAL A 25 -1.52 -11.98 15.34
C VAL A 25 -1.77 -13.32 14.67
N GLU A 26 -1.97 -14.38 15.47
CA GLU A 26 -2.40 -15.69 14.98
C GLU A 26 -3.76 -15.97 15.54
N VAL A 27 -4.67 -16.31 14.64
CA VAL A 27 -6.00 -16.83 15.03
C VAL A 27 -6.03 -18.34 14.67
N THR A 28 -6.39 -19.18 15.65
CA THR A 28 -6.36 -20.61 15.48
C THR A 28 -7.82 -21.12 15.46
N THR A 29 -8.13 -21.92 14.46
CA THR A 29 -9.47 -22.57 14.36
C THR A 29 -9.16 -24.02 14.07
N GLU A 30 -10.18 -24.86 13.87
CA GLU A 30 -9.88 -26.25 13.51
C GLU A 30 -9.32 -26.40 12.08
N LYS A 31 -9.32 -25.32 11.31
CA LYS A 31 -8.73 -25.34 9.95
C LYS A 31 -7.25 -25.01 9.93
N GLY A 32 -6.73 -24.55 11.07
CA GLY A 32 -5.29 -24.35 11.24
C GLY A 32 -4.99 -23.02 11.91
N VAL A 33 -3.78 -22.49 11.68
CA VAL A 33 -3.28 -21.28 12.41
C VAL A 33 -3.09 -20.18 11.36
N PHE A 34 -3.77 -19.05 11.53
CA PHE A 34 -3.79 -18.05 10.49
C PHE A 34 -3.09 -16.79 10.98
N ARG A 35 -2.00 -16.43 10.31
CA ARG A 35 -1.07 -15.48 10.88
C ARG A 35 -1.01 -14.19 10.00
N SER A 36 -1.14 -13.05 10.64
CA SER A 36 -1.12 -11.77 9.93
C SER A 36 -0.25 -10.76 10.70
N ALA A 37 0.59 -9.99 9.99
CA ALA A 37 1.40 -8.94 10.64
C ALA A 37 1.02 -7.55 10.07
N VAL A 38 1.20 -6.53 10.92
CA VAL A 38 0.77 -5.16 10.73
C VAL A 38 2.00 -4.36 10.22
N PRO A 39 1.81 -3.58 9.16
CA PRO A 39 2.89 -2.72 8.67
C PRO A 39 2.93 -1.39 9.42
N SER A 40 3.95 -0.60 9.16
CA SER A 40 4.12 0.64 9.93
C SER A 40 4.85 1.69 9.11
N GLY A 41 4.38 2.93 9.16
CA GLY A 41 5.10 4.09 8.56
C GLY A 41 5.81 4.93 9.61
N ALA A 42 6.67 5.84 9.14
CA ALA A 42 7.36 6.80 10.02
C ALA A 42 6.46 8.01 10.29
N SER A 43 5.22 7.92 9.81
CA SER A 43 4.35 9.10 9.66
C SER A 43 3.40 9.27 10.85
N THR A 44 3.03 10.52 11.11
CA THR A 44 1.99 10.90 12.09
C THR A 44 1.60 12.35 11.74
N GLY A 45 0.38 12.58 11.24
CA GLY A 45 -0.71 11.60 11.31
C GLY A 45 -1.65 11.87 12.48
N VAL A 46 -2.36 13.00 12.40
CA VAL A 46 -3.41 13.39 13.35
C VAL A 46 -4.75 12.77 12.91
N TYR A 47 -4.84 12.41 11.63
CA TYR A 47 -6.02 11.77 11.07
C TYR A 47 -5.89 10.24 10.91
N GLU A 48 -4.71 9.69 11.18
CA GLU A 48 -4.51 8.23 11.10
C GLU A 48 -5.02 7.55 12.36
N ALA A 49 -5.47 6.30 12.21
CA ALA A 49 -5.74 5.48 13.36
C ALA A 49 -4.45 5.34 14.15
N CYS A 50 -4.61 5.19 15.44
CA CYS A 50 -3.54 5.22 16.41
C CYS A 50 -2.64 3.98 16.37
N GLU A 51 -1.36 4.17 16.11
CA GLU A 51 -0.40 3.10 16.22
C GLU A 51 0.15 3.18 17.62
N LEU A 52 -0.04 2.14 18.42
CA LEU A 52 0.37 2.18 19.83
C LEU A 52 1.80 1.68 20.05
N ARG A 53 2.68 2.54 20.57
CA ARG A 53 4.06 2.16 20.86
C ARG A 53 4.30 2.23 22.35
N ASP A 54 5.30 1.51 22.86
CA ASP A 54 5.50 1.42 24.31
C ASP A 54 6.10 2.70 24.92
N GLY A 55 7.00 3.33 24.18
CA GLY A 55 7.75 4.47 24.73
C GLY A 55 8.68 4.12 25.88
N ASP A 56 9.07 2.84 25.98
CA ASP A 56 10.10 2.41 26.91
C ASP A 56 11.44 2.63 26.21
N LYS A 57 12.19 3.65 26.63
CA LYS A 57 13.46 3.99 25.98
C LYS A 57 14.54 2.88 26.09
N LYS A 58 14.39 1.99 27.07
CA LYS A 58 15.23 0.78 27.23
C LYS A 58 14.98 -0.42 26.26
N ARG A 59 13.82 -0.46 25.59
CA ARG A 59 13.59 -1.43 24.54
C ARG A 59 13.32 -0.69 23.23
N TYR A 60 14.12 -1.00 22.19
CA TYR A 60 13.96 -0.46 20.86
C TYR A 60 13.76 1.06 20.75
N VAL A 61 14.48 1.79 21.60
CA VAL A 61 14.28 3.24 21.90
C VAL A 61 12.82 3.64 21.75
N GLY A 62 12.00 3.21 22.72
CA GLY A 62 10.61 3.60 22.80
C GLY A 62 9.69 3.00 21.75
N LYS A 63 10.19 2.13 20.89
CA LYS A 63 9.34 1.58 19.79
C LYS A 63 8.73 0.18 20.02
N GLY A 64 8.87 -0.36 21.22
CA GLY A 64 8.23 -1.66 21.56
C GLY A 64 6.73 -1.66 21.25
N CYS A 65 6.20 -2.86 20.98
CA CYS A 65 4.77 -3.04 20.70
C CYS A 65 4.16 -3.99 21.73
N LEU A 66 4.76 -4.06 22.91
CA LEU A 66 4.27 -4.93 23.96
C LEU A 66 2.85 -4.55 24.44
N GLN A 67 2.56 -3.24 24.51
CA GLN A 67 1.20 -2.83 24.89
C GLN A 67 0.14 -3.29 23.86
N ALA A 68 0.36 -2.97 22.58
CA ALA A 68 -0.53 -3.43 21.51
C ALA A 68 -0.76 -4.98 21.59
N VAL A 69 0.34 -5.73 21.72
CA VAL A 69 0.33 -7.19 21.89
C VAL A 69 -0.46 -7.63 23.14
N LYS A 70 -0.25 -6.94 24.26
CA LYS A 70 -1.03 -7.21 25.46
C LYS A 70 -2.54 -7.00 25.22
N ASN A 71 -2.91 -5.92 24.54
CA ASN A 71 -4.30 -5.64 24.14
C ASN A 71 -4.89 -6.76 23.31
N VAL A 72 -4.10 -7.28 22.36
CA VAL A 72 -4.52 -8.49 21.63
C VAL A 72 -4.75 -9.67 22.60
N ASN A 73 -3.73 -9.98 23.41
CA ASN A 73 -3.70 -11.16 24.29
C ASN A 73 -4.74 -11.15 25.42
N GLU A 74 -5.04 -9.95 25.95
CA GLU A 74 -5.79 -9.90 27.19
C GLU A 74 -7.17 -9.25 27.05
N VAL A 75 -7.37 -8.50 25.96
CA VAL A 75 -8.65 -7.84 25.76
C VAL A 75 -9.38 -8.34 24.48
N ILE A 76 -8.74 -8.27 23.31
CA ILE A 76 -9.48 -8.61 22.05
C ILE A 76 -9.63 -10.14 21.94
N GLY A 77 -8.55 -10.84 22.23
CA GLY A 77 -8.47 -12.32 22.10
C GLY A 77 -9.59 -13.00 22.89
N PRO A 78 -9.67 -12.77 24.22
CA PRO A 78 -10.72 -13.27 25.07
C PRO A 78 -12.15 -13.00 24.54
N ALA A 79 -12.35 -11.85 23.90
CA ALA A 79 -13.63 -11.50 23.31
C ALA A 79 -13.92 -12.31 22.03
N LEU A 80 -12.87 -12.77 21.35
CA LEU A 80 -13.05 -13.47 20.08
C LEU A 80 -13.20 -15.00 20.25
N ILE A 81 -12.69 -15.53 21.35
CA ILE A 81 -12.80 -17.01 21.52
C ILE A 81 -14.25 -17.55 21.47
N GLY A 82 -14.46 -18.58 20.66
CA GLY A 82 -15.78 -19.18 20.52
C GLY A 82 -16.65 -18.43 19.52
N ARG A 83 -16.13 -17.40 18.86
CA ARG A 83 -16.96 -16.65 17.89
C ARG A 83 -16.78 -17.20 16.46
N ASP A 84 -17.82 -17.04 15.63
CA ASP A 84 -17.83 -17.47 14.24
C ASP A 84 -17.00 -16.49 13.40
N GLU A 85 -15.84 -16.98 12.91
CA GLU A 85 -14.88 -16.16 12.14
C GLU A 85 -15.43 -15.70 10.79
N LEU A 86 -16.56 -16.25 10.33
CA LEU A 86 -17.13 -15.89 9.02
C LEU A 86 -17.82 -14.49 9.05
N LYS A 87 -18.11 -14.01 10.26
CA LYS A 87 -18.92 -12.82 10.43
C LYS A 87 -17.96 -11.63 10.52
N GLN A 88 -17.33 -11.28 9.38
CA GLN A 88 -16.30 -10.20 9.33
C GLN A 88 -16.76 -8.86 9.89
N GLU A 89 -17.81 -8.32 9.29
CA GLU A 89 -18.40 -7.03 9.70
C GLU A 89 -18.70 -7.02 11.19
N GLU A 90 -19.27 -8.10 11.69
CA GLU A 90 -19.73 -8.22 13.06
C GLU A 90 -18.54 -8.19 13.99
N LEU A 91 -17.50 -8.94 13.64
CA LEU A 91 -16.28 -8.99 14.45
C LEU A 91 -15.40 -7.71 14.40
N ASP A 92 -15.28 -7.12 13.23
CA ASP A 92 -14.64 -5.81 13.11
C ASP A 92 -15.43 -4.75 13.89
N THR A 93 -16.75 -4.75 13.78
CA THR A 93 -17.58 -3.81 14.55
C THR A 93 -17.42 -4.07 16.06
N LEU A 94 -17.45 -5.34 16.45
CA LEU A 94 -17.09 -5.72 17.82
C LEU A 94 -15.81 -5.02 18.34
N MET A 95 -14.74 -5.13 17.58
CA MET A 95 -13.46 -4.60 17.96
C MET A 95 -13.48 -3.07 17.94
N LEU A 96 -14.24 -2.47 17.00
CA LEU A 96 -14.45 -1.01 17.05
C LEU A 96 -15.12 -0.59 18.39
N ARG A 97 -16.14 -1.35 18.80
CA ARG A 97 -16.89 -1.03 20.00
C ARG A 97 -16.06 -1.33 21.28
N LEU A 98 -15.22 -2.36 21.23
CA LEU A 98 -14.30 -2.68 22.33
C LEU A 98 -13.34 -1.53 22.57
N ASP A 99 -12.82 -0.97 21.49
CA ASP A 99 -11.93 0.18 21.58
C ASP A 99 -12.71 1.45 22.07
N GLY A 100 -13.78 1.81 21.35
CA GLY A 100 -14.70 2.84 21.77
C GLY A 100 -14.26 4.27 21.41
N THR A 101 -13.15 4.43 20.71
CA THR A 101 -12.63 5.78 20.44
C THR A 101 -12.59 5.96 18.92
N PRO A 102 -12.72 7.22 18.46
CA PRO A 102 -12.82 7.43 17.00
C PRO A 102 -11.54 7.05 16.28
N ASN A 103 -10.40 7.10 16.98
CA ASN A 103 -9.09 6.87 16.35
C ASN A 103 -8.40 5.55 16.76
N LYS A 104 -9.17 4.68 17.41
CA LYS A 104 -8.62 3.39 17.88
C LYS A 104 -7.46 3.61 18.85
N GLY A 105 -7.58 4.68 19.66
CA GLY A 105 -6.52 5.09 20.56
C GLY A 105 -6.40 4.28 21.83
N LYS A 106 -7.43 3.48 22.13
CA LYS A 106 -7.47 2.69 23.38
C LYS A 106 -6.74 1.38 23.22
N LEU A 107 -7.20 0.57 22.26
CA LEU A 107 -6.64 -0.74 21.98
C LEU A 107 -5.42 -0.65 21.05
N GLY A 108 -5.40 0.38 20.20
CA GLY A 108 -4.36 0.54 19.15
C GLY A 108 -4.81 -0.05 17.82
N ALA A 109 -4.67 0.70 16.73
CA ALA A 109 -5.02 0.17 15.41
C ALA A 109 -4.10 -1.00 15.07
N ASN A 110 -2.89 -0.97 15.63
CA ASN A 110 -1.95 -2.05 15.42
C ASN A 110 -2.22 -3.30 16.32
N ALA A 111 -3.19 -3.23 17.25
CA ALA A 111 -3.72 -4.46 17.90
C ALA A 111 -4.94 -5.01 17.09
N ILE A 112 -5.85 -4.10 16.73
CA ILE A 112 -7.08 -4.48 16.04
C ILE A 112 -6.82 -5.01 14.60
N LEU A 113 -5.95 -4.33 13.83
CA LEU A 113 -5.79 -4.70 12.42
C LEU A 113 -5.33 -6.16 12.24
N GLY A 114 -4.33 -6.59 13.02
CA GLY A 114 -3.81 -8.00 12.91
C GLY A 114 -4.93 -9.01 13.16
N CYS A 115 -5.80 -8.70 14.13
CA CYS A 115 -6.97 -9.55 14.42
C CYS A 115 -7.92 -9.54 13.23
N SER A 116 -8.22 -8.34 12.69
CA SER A 116 -9.14 -8.20 11.52
C SER A 116 -8.66 -9.06 10.33
N MET A 117 -7.38 -8.93 9.99
CA MET A 117 -6.78 -9.67 8.84
C MET A 117 -6.79 -11.22 9.12
N ALA A 118 -6.31 -11.62 10.30
CA ALA A 118 -6.24 -13.04 10.61
C ALA A 118 -7.63 -13.72 10.66
N ILE A 119 -8.62 -13.03 11.22
CA ILE A 119 -10.03 -13.47 11.12
C ILE A 119 -10.38 -13.78 9.64
N SER A 120 -10.14 -12.83 8.73
CA SER A 120 -10.57 -13.00 7.37
C SER A 120 -9.90 -14.22 6.73
N LYS A 121 -8.65 -14.50 7.12
CA LYS A 121 -7.95 -15.64 6.62
C LYS A 121 -8.52 -16.91 7.15
N ALA A 122 -8.84 -16.94 8.45
CA ALA A 122 -9.52 -18.13 9.05
C ALA A 122 -10.88 -18.39 8.39
N ALA A 123 -11.65 -17.31 8.16
CA ALA A 123 -12.92 -17.38 7.44
C ALA A 123 -12.74 -17.89 6.00
N ALA A 124 -11.78 -17.35 5.26
CA ALA A 124 -11.56 -17.89 3.88
C ALA A 124 -11.29 -19.39 3.93
N ALA A 125 -10.46 -19.82 4.87
CA ALA A 125 -10.19 -21.26 4.97
C ALA A 125 -11.46 -22.06 5.29
N ALA A 126 -12.30 -21.52 6.18
CA ALA A 126 -13.54 -22.20 6.58
C ALA A 126 -14.48 -22.37 5.36
N LYS A 127 -14.46 -21.39 4.45
CA LYS A 127 -15.30 -21.38 3.23
C LYS A 127 -14.71 -22.19 2.08
N GLY A 128 -13.48 -22.62 2.25
CA GLY A 128 -12.71 -23.33 1.25
C GLY A 128 -12.30 -22.59 -0.01
N VAL A 129 -11.99 -21.30 0.14
CA VAL A 129 -11.55 -20.48 -1.01
C VAL A 129 -10.28 -19.70 -0.58
N PRO A 130 -9.44 -19.30 -1.56
CA PRO A 130 -8.30 -18.47 -1.16
C PRO A 130 -8.76 -17.09 -0.65
N LEU A 131 -7.91 -16.43 0.09
CA LEU A 131 -8.22 -15.15 0.68
C LEU A 131 -8.80 -14.13 -0.33
N TYR A 132 -8.19 -14.01 -1.52
CA TYR A 132 -8.65 -13.01 -2.46
C TYR A 132 -10.08 -13.24 -2.84
N ARG A 133 -10.50 -14.51 -2.93
CA ARG A 133 -11.89 -14.81 -3.31
C ARG A 133 -12.86 -14.42 -2.23
N TYR A 134 -12.51 -14.77 -1.00
CA TYR A 134 -13.30 -14.47 0.16
C TYR A 134 -13.46 -12.94 0.33
N LEU A 135 -12.34 -12.20 0.25
CA LEU A 135 -12.41 -10.73 0.29
C LEU A 135 -13.23 -10.15 -0.89
N ALA A 136 -13.14 -10.74 -2.06
CA ALA A 136 -13.98 -10.24 -3.20
C ALA A 136 -15.47 -10.36 -2.88
N SER A 137 -15.89 -11.49 -2.27
CA SER A 137 -17.28 -11.64 -1.81
C SER A 137 -17.66 -10.55 -0.82
N LEU A 138 -16.82 -10.31 0.20
CA LEU A 138 -17.01 -9.20 1.17
C LEU A 138 -17.14 -7.83 0.52
N ALA A 139 -16.34 -7.56 -0.53
CA ALA A 139 -16.38 -6.28 -1.27
C ALA A 139 -17.42 -6.18 -2.39
N GLY A 140 -18.05 -7.31 -2.74
CA GLY A 140 -19.05 -7.36 -3.80
C GLY A 140 -18.42 -7.09 -5.16
N THR A 141 -17.10 -7.23 -5.23
CA THR A 141 -16.36 -7.05 -6.49
C THR A 141 -16.85 -8.00 -7.59
N LYS A 142 -17.32 -7.43 -8.69
CA LYS A 142 -17.81 -8.24 -9.82
C LYS A 142 -16.71 -8.91 -10.62
N GLU A 143 -15.58 -8.25 -10.82
CA GLU A 143 -14.50 -8.87 -11.58
C GLU A 143 -13.16 -8.73 -10.87
N LEU A 144 -12.51 -9.85 -10.63
CA LEU A 144 -11.16 -9.84 -10.07
C LEU A 144 -10.16 -9.31 -11.10
N ARG A 145 -9.06 -8.72 -10.67
CA ARG A 145 -7.99 -8.43 -11.65
C ARG A 145 -6.62 -8.32 -10.99
N LEU A 146 -5.59 -8.69 -11.76
CA LEU A 146 -4.21 -8.51 -11.30
C LEU A 146 -3.86 -7.02 -11.54
N PRO A 147 -3.20 -6.34 -10.55
CA PRO A 147 -2.83 -4.90 -10.56
C PRO A 147 -1.61 -4.66 -11.45
N VAL A 148 -1.54 -3.51 -12.11
CA VAL A 148 -0.24 -3.06 -12.55
C VAL A 148 0.50 -2.64 -11.26
N PRO A 149 1.74 -3.16 -11.07
CA PRO A 149 2.58 -2.79 -9.96
C PRO A 149 3.37 -1.51 -10.31
N CYS A 150 3.39 -0.59 -9.37
CA CYS A 150 4.06 0.72 -9.50
C CYS A 150 5.31 0.62 -8.64
N PHE A 151 6.46 0.47 -9.27
CA PHE A 151 7.67 0.09 -8.57
C PHE A 151 8.45 1.33 -8.19
N ASN A 152 8.55 1.60 -6.90
CA ASN A 152 9.43 2.65 -6.36
C ASN A 152 10.85 2.52 -6.92
N VAL A 153 11.37 3.52 -7.63
CA VAL A 153 12.69 3.34 -8.24
C VAL A 153 13.72 4.44 -7.97
N ILE A 154 13.28 5.69 -7.77
CA ILE A 154 14.19 6.77 -7.38
C ILE A 154 13.54 7.59 -6.27
N ASN A 155 14.27 7.73 -5.14
CA ASN A 155 13.94 8.60 -4.01
C ASN A 155 14.81 9.88 -4.17
N GLY A 156 14.37 11.07 -3.79
CA GLY A 156 13.06 11.41 -3.28
C GLY A 156 13.04 12.29 -2.02
N GLY A 157 13.19 13.61 -2.12
CA GLY A 157 12.91 14.49 -0.94
C GLY A 157 13.53 14.17 0.44
N LYS A 158 12.67 13.91 1.45
CA LYS A 158 13.13 13.42 2.78
C LYS A 158 13.70 12.01 2.71
N HIS A 159 13.54 11.36 1.55
CA HIS A 159 14.01 9.99 1.39
C HIS A 159 15.40 9.84 0.74
N ALA A 160 16.06 10.97 0.47
CA ALA A 160 17.41 10.93 -0.13
C ALA A 160 18.15 12.21 0.14
N GLY A 161 19.47 12.13 0.11
CA GLY A 161 20.33 13.29 0.39
C GLY A 161 20.56 14.17 -0.82
N ASN A 162 19.79 13.94 -1.89
CA ASN A 162 19.97 14.56 -3.22
C ASN A 162 19.17 15.85 -3.34
N ALA A 163 19.26 16.52 -4.49
CA ALA A 163 18.64 17.85 -4.63
C ALA A 163 17.12 17.77 -4.81
N LEU A 164 16.66 16.54 -5.27
CA LEU A 164 15.24 16.32 -5.58
C LEU A 164 14.22 16.64 -4.48
N PRO A 165 13.19 17.45 -4.80
CA PRO A 165 12.20 17.88 -3.80
C PRO A 165 11.08 16.87 -3.55
N PHE A 166 10.71 16.12 -4.58
CA PHE A 166 9.63 15.12 -4.50
C PHE A 166 10.14 13.75 -4.07
N GLN A 167 9.25 13.02 -3.40
CA GLN A 167 9.58 11.83 -2.60
C GLN A 167 9.88 10.55 -3.40
N GLU A 168 9.06 10.25 -4.40
CA GLU A 168 9.21 9.00 -5.16
C GLU A 168 8.90 9.13 -6.65
N PHE A 169 9.75 8.49 -7.47
CA PHE A 169 9.54 8.24 -8.88
C PHE A 169 9.36 6.71 -9.02
N MET A 170 8.21 6.29 -9.56
CA MET A 170 7.87 4.88 -9.78
C MET A 170 7.80 4.59 -11.30
N ILE A 171 8.03 3.34 -11.69
CA ILE A 171 7.76 2.92 -13.06
C ILE A 171 6.66 1.88 -13.02
N ALA A 172 5.78 1.91 -14.02
CA ALA A 172 4.59 1.04 -14.07
C ALA A 172 4.44 0.41 -15.46
N PRO A 173 4.52 -0.95 -15.51
CA PRO A 173 4.47 -1.66 -16.78
C PRO A 173 3.05 -1.75 -17.34
N VAL A 174 2.47 -0.61 -17.69
CA VAL A 174 1.02 -0.56 -17.93
C VAL A 174 0.58 -1.26 -19.20
N LYS A 175 1.49 -1.43 -20.16
CA LYS A 175 1.13 -2.06 -21.43
C LYS A 175 1.51 -3.55 -21.44
N ALA A 176 1.98 -4.07 -20.30
CA ALA A 176 2.04 -5.53 -20.14
C ALA A 176 0.62 -6.16 -20.25
N THR A 177 0.55 -7.41 -20.69
CA THR A 177 -0.76 -8.05 -20.88
C THR A 177 -1.04 -9.09 -19.81
N SER A 178 -0.05 -9.34 -18.95
CA SER A 178 -0.23 -10.28 -17.84
C SER A 178 0.60 -9.80 -16.66
N PHE A 179 0.18 -10.18 -15.47
CA PHE A 179 1.01 -9.85 -14.33
C PHE A 179 2.46 -10.40 -14.40
N SER A 180 2.60 -11.66 -14.83
CA SER A 180 3.89 -12.34 -15.05
C SER A 180 4.82 -11.48 -15.93
N GLU A 181 4.27 -11.07 -17.06
CA GLU A 181 4.96 -10.16 -17.97
C GLU A 181 5.29 -8.81 -17.29
N ALA A 182 4.33 -8.25 -16.56
CA ALA A 182 4.52 -6.96 -15.89
C ALA A 182 5.67 -7.04 -14.93
N LEU A 183 5.69 -8.13 -14.13
CA LEU A 183 6.75 -8.28 -13.18
C LEU A 183 8.14 -8.48 -13.81
N ARG A 184 8.24 -9.31 -14.86
CA ARG A 184 9.53 -9.46 -15.54
C ARG A 184 10.00 -8.11 -16.16
N MET A 185 9.11 -7.42 -16.87
CA MET A 185 9.43 -6.07 -17.37
C MET A 185 9.92 -5.10 -16.30
N GLY A 186 9.21 -5.04 -15.16
CA GLY A 186 9.63 -4.20 -14.03
C GLY A 186 11.01 -4.54 -13.53
N SER A 187 11.28 -5.83 -13.32
CA SER A 187 12.62 -6.28 -12.93
C SER A 187 13.74 -5.94 -13.95
N GLU A 188 13.40 -6.11 -15.23
CA GLU A 188 14.36 -5.90 -16.33
C GLU A 188 14.71 -4.40 -16.39
N VAL A 189 13.70 -3.53 -16.30
CA VAL A 189 13.98 -2.08 -16.23
C VAL A 189 14.69 -1.68 -14.95
N TYR A 190 14.31 -2.26 -13.81
CA TYR A 190 15.02 -1.99 -12.57
C TYR A 190 16.50 -2.34 -12.74
N HIS A 191 16.81 -3.45 -13.39
CA HIS A 191 18.22 -3.85 -13.57
C HIS A 191 19.02 -2.98 -14.55
N SER A 192 18.40 -2.52 -15.62
CA SER A 192 19.12 -1.56 -16.48
C SER A 192 19.28 -0.19 -15.79
N LEU A 193 18.27 0.22 -15.01
CA LEU A 193 18.36 1.46 -14.24
C LEU A 193 19.55 1.42 -13.29
N ARG A 194 19.69 0.31 -12.55
CA ARG A 194 20.85 0.05 -11.68
C ARG A 194 22.14 0.22 -12.47
N GLY A 195 22.17 -0.31 -13.70
CA GLY A 195 23.32 -0.15 -14.59
C GLY A 195 23.61 1.31 -14.84
N ILE A 196 22.57 2.04 -15.21
CA ILE A 196 22.72 3.46 -15.62
C ILE A 196 23.28 4.27 -14.45
N ILE A 197 22.66 4.09 -13.28
CA ILE A 197 23.07 4.74 -12.02
C ILE A 197 24.49 4.37 -11.59
N LYS A 198 24.84 3.08 -11.65
CA LYS A 198 26.21 2.65 -11.34
C LYS A 198 27.28 3.35 -12.22
N LYS A 199 26.99 3.50 -13.51
CA LYS A 199 27.89 4.13 -14.48
C LYS A 199 28.05 5.65 -14.29
N LYS A 200 26.96 6.34 -13.97
CA LYS A 200 26.97 7.78 -13.75
C LYS A 200 27.53 8.13 -12.38
N TYR A 201 27.02 7.46 -11.34
CA TYR A 201 27.26 7.84 -9.95
C TYR A 201 28.10 6.85 -9.10
N GLY A 202 28.42 5.67 -9.63
CA GLY A 202 29.33 4.73 -8.95
C GLY A 202 28.67 3.59 -8.17
N GLN A 203 29.48 2.62 -7.75
CA GLN A 203 29.07 1.42 -7.02
C GLN A 203 28.18 1.61 -5.77
N ASP A 204 28.46 2.63 -4.96
CA ASP A 204 27.71 2.88 -3.73
C ASP A 204 26.32 3.48 -4.00
N ALA A 205 26.19 4.08 -5.17
CA ALA A 205 24.94 4.74 -5.60
C ALA A 205 23.76 3.79 -5.82
N VAL A 206 24.06 2.48 -5.91
CA VAL A 206 23.02 1.47 -6.14
C VAL A 206 22.64 0.70 -4.86
N ASN A 207 23.05 1.21 -3.71
CA ASN A 207 22.46 0.75 -2.42
C ASN A 207 21.03 1.26 -2.35
N VAL A 208 20.19 0.57 -1.60
CA VAL A 208 18.77 0.77 -1.75
C VAL A 208 18.13 1.42 -0.50
N GLY A 209 17.07 2.17 -0.75
CA GLY A 209 16.22 2.70 0.26
C GLY A 209 15.24 1.66 0.85
N ASP A 210 14.41 2.12 1.77
CA ASP A 210 13.47 1.27 2.54
C ASP A 210 12.57 0.44 1.64
N GLU A 211 12.23 0.96 0.46
CA GLU A 211 11.33 0.25 -0.43
C GLU A 211 12.04 -0.39 -1.64
N GLY A 212 13.37 -0.43 -1.60
CA GLY A 212 14.10 -1.22 -2.58
C GLY A 212 14.55 -0.39 -3.78
N GLY A 213 14.16 0.88 -3.82
CA GLY A 213 14.57 1.81 -4.91
C GLY A 213 15.88 2.50 -4.59
N PHE A 214 16.37 3.33 -5.52
CA PHE A 214 17.67 3.92 -5.32
C PHE A 214 17.61 5.38 -4.93
N ALA A 215 18.67 5.86 -4.28
CA ALA A 215 18.81 7.26 -3.90
C ALA A 215 20.04 7.89 -4.54
N PRO A 216 20.10 7.93 -5.90
CA PRO A 216 21.33 8.39 -6.50
C PRO A 216 21.49 9.86 -6.15
N PRO A 217 22.73 10.35 -6.08
CA PRO A 217 23.03 11.77 -5.77
C PRO A 217 22.64 12.75 -6.88
N ILE A 218 21.38 12.74 -7.30
CA ILE A 218 20.96 13.64 -8.40
C ILE A 218 20.95 15.11 -7.93
N LYS A 219 21.80 15.91 -8.58
CA LYS A 219 21.91 17.33 -8.31
C LYS A 219 20.98 18.06 -9.26
N ASP A 220 20.92 17.53 -10.47
CA ASP A 220 20.07 18.03 -11.54
C ASP A 220 18.61 17.68 -11.29
N ILE A 221 17.80 18.60 -10.78
CA ILE A 221 16.40 18.19 -10.55
C ILE A 221 15.64 17.65 -11.77
N ASN A 222 16.17 17.77 -13.00
CA ASN A 222 15.63 16.82 -13.98
C ASN A 222 16.52 15.85 -14.78
N GLU A 223 17.51 15.27 -14.10
CA GLU A 223 18.03 13.98 -14.54
C GLU A 223 17.03 12.82 -14.34
N PRO A 224 16.24 12.79 -13.23
CA PRO A 224 15.49 11.53 -12.95
C PRO A 224 14.49 11.00 -14.00
N LEU A 225 13.57 11.83 -14.51
CA LEU A 225 12.63 11.40 -15.53
C LEU A 225 13.28 10.91 -16.85
N PRO A 226 14.24 11.66 -17.45
CA PRO A 226 15.07 11.16 -18.56
C PRO A 226 15.82 9.86 -18.24
N ILE A 227 16.42 9.79 -17.06
CA ILE A 227 17.09 8.57 -16.56
C ILE A 227 16.15 7.34 -16.60
N LEU A 228 14.90 7.55 -16.18
CA LEU A 228 13.86 6.49 -16.20
C LEU A 228 13.46 6.09 -17.62
N MET A 229 13.35 7.06 -18.52
CA MET A 229 13.12 6.76 -19.94
C MET A 229 14.29 5.98 -20.56
N GLU A 230 15.52 6.39 -20.22
CA GLU A 230 16.71 5.70 -20.68
C GLU A 230 16.66 4.24 -20.24
N ALA A 231 16.29 4.02 -18.98
CA ALA A 231 16.23 2.69 -18.36
C ALA A 231 15.23 1.82 -19.06
N ILE A 232 14.07 2.39 -19.37
CA ILE A 232 12.99 1.71 -20.08
C ILE A 232 13.40 1.32 -21.52
N GLU A 233 14.14 2.20 -22.20
CA GLU A 233 14.64 1.96 -23.54
C GLU A 233 15.64 0.81 -23.55
N GLU A 234 16.63 0.89 -22.68
CA GLU A 234 17.77 -0.03 -22.66
C GLU A 234 17.37 -1.48 -22.37
N ALA A 235 16.44 -1.63 -21.43
CA ALA A 235 15.85 -2.92 -21.10
C ALA A 235 15.03 -3.52 -22.23
N GLY A 236 14.59 -2.69 -23.16
CA GLY A 236 13.86 -3.11 -24.35
C GLY A 236 12.37 -2.83 -24.38
N HIS A 237 11.85 -2.04 -23.44
CA HIS A 237 10.42 -1.82 -23.31
C HIS A 237 9.88 -0.42 -23.61
N ARG A 238 10.51 0.26 -24.57
CA ARG A 238 10.01 1.54 -25.08
C ARG A 238 8.51 1.47 -25.31
N GLY A 239 7.76 2.45 -24.82
CA GLY A 239 6.33 2.45 -25.05
C GLY A 239 5.50 1.55 -24.13
N LYS A 240 6.13 0.65 -23.37
CA LYS A 240 5.37 -0.26 -22.51
C LYS A 240 5.13 0.24 -21.08
N PHE A 241 5.81 1.33 -20.68
CA PHE A 241 5.81 1.86 -19.30
C PHE A 241 5.23 3.26 -19.16
N ALA A 242 4.60 3.47 -18.00
CA ALA A 242 4.21 4.80 -17.50
C ALA A 242 5.01 5.17 -16.27
N ILE A 243 4.89 6.43 -15.85
CA ILE A 243 5.54 6.90 -14.65
C ILE A 243 4.49 7.31 -13.64
N CYS A 244 4.73 6.93 -12.38
CA CYS A 244 3.95 7.38 -11.24
C CYS A 244 4.86 8.17 -10.31
N MET A 245 4.38 9.31 -9.83
CA MET A 245 5.14 10.14 -8.86
C MET A 245 4.42 10.29 -7.54
N ASP A 246 5.20 10.36 -6.45
CA ASP A 246 4.72 10.81 -5.16
C ASP A 246 5.51 12.07 -4.78
N CYS A 247 4.84 13.22 -4.87
CA CYS A 247 5.46 14.49 -4.56
C CYS A 247 5.71 14.68 -3.07
N ALA A 248 4.83 14.09 -2.25
CA ALA A 248 4.78 14.32 -0.81
C ALA A 248 5.13 15.80 -0.58
N ALA A 249 4.28 16.64 -1.18
CA ALA A 249 4.54 18.06 -1.33
C ALA A 249 4.44 18.83 0.00
N SER A 250 3.76 18.23 1.00
CA SER A 250 3.70 18.74 2.36
C SER A 250 5.11 18.97 2.88
N GLU A 251 6.02 18.11 2.44
CA GLU A 251 7.37 18.15 2.95
C GLU A 251 8.12 19.36 2.43
N THR A 252 7.55 20.06 1.42
CA THR A 252 8.13 21.28 0.81
C THR A 252 7.43 22.61 1.18
N TYR A 253 6.13 22.44 1.71
CA TYR A 253 5.26 23.60 1.92
C TYR A 253 5.72 24.37 3.15
N ARG A 278 1.78 23.54 -10.21
CA ARG A 278 0.66 23.14 -11.07
C ARG A 278 1.06 23.10 -12.54
N GLU A 279 1.54 24.25 -13.05
CA GLU A 279 2.04 24.35 -14.45
C GLU A 279 3.17 23.35 -14.66
N THR A 280 4.09 23.35 -13.58
CA THR A 280 5.21 22.43 -13.59
C THR A 280 4.74 20.97 -13.78
N TYR A 281 3.62 20.64 -13.07
CA TYR A 281 2.99 19.32 -13.22
C TYR A 281 2.43 19.06 -14.61
N CYS A 282 1.93 20.12 -15.26
CA CYS A 282 1.44 19.97 -16.61
C CYS A 282 2.56 19.70 -17.62
N LYS A 283 3.73 20.39 -17.32
CA LYS A 283 4.86 20.29 -18.27
C LYS A 283 5.44 18.86 -18.24
N TRP A 284 5.54 18.29 -17.03
CA TRP A 284 6.05 16.93 -16.88
C TRP A 284 5.15 15.86 -17.47
N ALA A 285 3.79 16.07 -17.33
CA ALA A 285 2.79 15.13 -17.85
C ALA A 285 2.71 15.23 -19.37
N HIS A 286 2.72 16.46 -19.88
CA HIS A 286 2.74 16.63 -21.30
C HIS A 286 4.00 16.01 -21.92
N ASP A 287 5.27 16.32 -21.23
CA ASP A 287 6.50 15.76 -21.88
C ASP A 287 6.76 14.26 -21.64
N TYR A 288 6.25 13.72 -20.54
CA TYR A 288 6.50 12.31 -20.18
C TYR A 288 5.21 11.54 -19.97
N PRO A 289 5.31 10.16 -20.04
CA PRO A 289 4.07 9.44 -19.78
C PRO A 289 3.82 9.31 -18.27
N ILE A 290 3.55 10.43 -17.59
CA ILE A 290 3.13 10.37 -16.18
C ILE A 290 1.62 10.17 -16.03
N VAL A 291 1.22 9.02 -15.47
CA VAL A 291 -0.20 8.68 -15.37
C VAL A 291 -0.77 8.90 -14.01
N SER A 292 0.10 9.25 -13.06
CA SER A 292 -0.30 9.34 -11.66
C SER A 292 0.66 10.18 -10.84
N ILE A 293 0.08 11.10 -10.05
CA ILE A 293 0.82 11.99 -9.13
C ILE A 293 0.10 12.00 -7.79
N GLU A 294 0.82 11.51 -6.79
CA GLU A 294 0.31 11.37 -5.43
C GLU A 294 0.78 12.59 -4.65
N ASP A 295 -0.09 13.09 -3.77
CA ASP A 295 0.13 14.31 -2.98
C ASP A 295 0.91 15.45 -3.71
N PRO A 296 0.34 16.00 -4.81
CA PRO A 296 0.95 17.13 -5.55
C PRO A 296 0.97 18.44 -4.72
N TYR A 297 0.11 18.50 -3.71
CA TYR A 297 0.03 19.67 -2.86
C TYR A 297 0.03 19.27 -1.38
N ASP A 298 0.08 20.30 -0.53
CA ASP A 298 0.03 20.16 0.91
C ASP A 298 -1.27 19.49 1.33
N GLN A 299 -1.21 18.73 2.42
CA GLN A 299 -2.35 17.93 2.93
C GLN A 299 -3.62 18.72 3.26
N ASP A 300 -3.53 20.04 3.38
CA ASP A 300 -4.73 20.86 3.60
C ASP A 300 -5.04 21.81 2.43
N ASP A 301 -4.29 21.70 1.33
CA ASP A 301 -4.49 22.58 0.19
C ASP A 301 -5.51 21.90 -0.72
N PHE A 302 -6.75 21.73 -0.21
CA PHE A 302 -7.86 21.09 -0.94
C PHE A 302 -8.15 21.79 -2.29
N ALA A 303 -8.06 23.13 -2.29
CA ALA A 303 -8.30 23.97 -3.46
C ALA A 303 -7.25 23.74 -4.56
N GLY A 304 -6.01 23.45 -4.11
CA GLY A 304 -4.91 23.21 -5.06
C GLY A 304 -5.03 21.79 -5.62
N PHE A 305 -5.29 20.84 -4.71
CA PHE A 305 -5.66 19.50 -5.12
C PHE A 305 -6.79 19.53 -6.16
N ALA A 306 -7.86 20.29 -5.89
CA ALA A 306 -9.01 20.24 -6.80
C ALA A 306 -8.64 20.73 -8.20
N GLY A 307 -7.85 21.82 -8.25
CA GLY A 307 -7.39 22.43 -9.51
C GLY A 307 -6.56 21.48 -10.38
N ILE A 308 -5.64 20.73 -9.75
CA ILE A 308 -4.80 19.81 -10.52
C ILE A 308 -5.54 18.54 -10.99
N THR A 309 -6.49 18.09 -10.18
CA THR A 309 -7.40 17.00 -10.54
C THR A 309 -8.24 17.32 -11.80
N GLU A 310 -8.70 18.56 -11.87
CA GLU A 310 -9.47 19.04 -13.01
C GLU A 310 -8.55 19.25 -14.23
N ALA A 311 -7.36 19.82 -13.97
CA ALA A 311 -6.41 20.16 -15.03
C ALA A 311 -5.89 18.94 -15.82
N LEU A 312 -5.63 17.84 -15.11
CA LEU A 312 -5.09 16.63 -15.72
C LEU A 312 -6.11 15.47 -15.82
N LYS A 313 -7.40 15.77 -15.65
CA LYS A 313 -8.49 14.78 -15.73
C LYS A 313 -8.50 13.97 -17.02
N GLY A 314 -8.27 12.66 -16.91
CA GLY A 314 -8.24 11.76 -18.06
C GLY A 314 -6.85 11.47 -18.63
N LYS A 315 -5.85 12.22 -18.18
CA LYS A 315 -4.43 11.96 -18.48
C LYS A 315 -3.69 11.46 -17.25
N THR A 316 -3.74 12.24 -16.19
CA THR A 316 -2.99 11.94 -14.96
C THR A 316 -3.93 11.94 -13.78
N GLN A 317 -4.04 10.80 -13.14
CA GLN A 317 -4.83 10.69 -11.93
C GLN A 317 -4.03 11.34 -10.77
N ILE A 318 -4.75 11.79 -9.74
CA ILE A 318 -4.16 12.50 -8.59
C ILE A 318 -4.53 11.69 -7.36
N VAL A 319 -3.50 11.20 -6.66
CA VAL A 319 -3.70 10.26 -5.55
C VAL A 319 -3.63 10.93 -4.17
N GLY A 320 -4.64 10.70 -3.34
CA GLY A 320 -4.65 11.28 -1.99
C GLY A 320 -3.93 10.34 -1.04
N ASP A 321 -2.92 10.84 -0.33
CA ASP A 321 -2.25 10.02 0.71
C ASP A 321 -2.19 10.78 2.04
N ASP A 322 -1.28 11.75 2.17
CA ASP A 322 -1.34 12.74 3.25
C ASP A 322 -2.65 13.55 3.19
N LEU A 323 -3.23 13.72 2.01
CA LEU A 323 -4.53 14.37 1.93
C LEU A 323 -5.63 13.61 2.70
N THR A 324 -5.74 12.32 2.40
CA THR A 324 -6.89 11.49 2.72
C THR A 324 -6.59 10.60 3.91
N VAL A 325 -5.33 10.17 4.03
CA VAL A 325 -4.83 9.33 5.15
C VAL A 325 -5.73 8.15 5.50
N THR A 326 -6.36 7.58 4.46
CA THR A 326 -7.28 6.44 4.61
C THR A 326 -8.32 6.74 5.69
N ASN A 327 -8.58 8.03 5.90
CA ASN A 327 -9.55 8.50 6.90
C ASN A 327 -10.94 8.71 6.32
N THR A 328 -11.98 8.24 7.01
CA THR A 328 -13.33 8.17 6.42
C THR A 328 -13.90 9.56 6.13
N GLU A 329 -13.69 10.48 7.05
CA GLU A 329 -14.18 11.83 6.90
C GLU A 329 -13.32 12.68 5.95
N ARG A 330 -12.02 12.39 5.89
CA ARG A 330 -11.10 13.06 4.96
C ARG A 330 -11.47 12.69 3.51
N ILE A 331 -11.76 11.39 3.29
CA ILE A 331 -12.21 10.87 2.00
C ILE A 331 -13.54 11.51 1.56
N LYS A 332 -14.51 11.55 2.46
CA LYS A 332 -15.81 12.15 2.21
C LYS A 332 -15.62 13.60 1.79
N MET A 333 -14.70 14.28 2.48
CA MET A 333 -14.31 15.66 2.10
C MET A 333 -13.79 15.73 0.66
N ALA A 334 -12.77 14.93 0.38
CA ALA A 334 -12.12 14.90 -0.91
C ALA A 334 -13.07 14.60 -2.05
N ILE A 335 -13.98 13.64 -1.86
CA ILE A 335 -15.01 13.32 -2.86
C ILE A 335 -15.93 14.51 -3.15
N GLU A 336 -16.45 15.12 -2.09
CA GLU A 336 -17.33 16.29 -2.13
C GLU A 336 -16.70 17.49 -2.85
N LYS A 337 -15.40 17.71 -2.60
CA LYS A 337 -14.72 18.87 -3.16
C LYS A 337 -13.96 18.55 -4.46
N LYS A 338 -14.12 17.31 -4.93
CA LYS A 338 -13.37 16.77 -6.08
C LYS A 338 -11.85 17.03 -6.01
N ALA A 339 -11.31 16.89 -4.80
CA ALA A 339 -9.91 17.21 -4.47
C ALA A 339 -8.90 16.24 -5.11
N CYS A 340 -9.34 14.99 -5.30
CA CYS A 340 -8.53 14.00 -5.96
C CYS A 340 -9.46 12.94 -6.60
N ASN A 341 -8.90 12.00 -7.32
CA ASN A 341 -9.74 11.01 -7.96
C ASN A 341 -9.19 9.60 -7.79
N SER A 342 -8.21 9.48 -6.90
CA SER A 342 -7.58 8.20 -6.59
C SER A 342 -7.28 8.15 -5.10
N LEU A 343 -7.62 7.02 -4.48
CA LEU A 343 -7.34 6.78 -3.05
C LEU A 343 -6.11 5.90 -2.85
N LEU A 344 -5.13 6.39 -2.10
CA LEU A 344 -4.10 5.48 -1.57
C LEU A 344 -4.65 4.75 -0.36
N LEU A 345 -4.67 3.42 -0.40
CA LEU A 345 -5.31 2.64 0.65
C LEU A 345 -4.22 1.99 1.51
N LYS A 346 -4.04 2.49 2.74
CA LYS A 346 -3.13 1.90 3.69
C LYS A 346 -4.00 1.28 4.79
N ILE A 347 -4.08 -0.05 4.80
CA ILE A 347 -4.91 -0.78 5.79
C ILE A 347 -4.61 -0.39 7.26
N ASN A 348 -3.35 -0.13 7.62
CA ASN A 348 -2.99 0.10 9.03
C ASN A 348 -3.37 1.52 9.51
N GLN A 349 -3.56 2.40 8.53
CA GLN A 349 -4.06 3.73 8.74
C GLN A 349 -5.53 3.83 9.14
N ILE A 350 -6.33 2.85 8.76
CA ILE A 350 -7.73 2.77 9.17
C ILE A 350 -7.90 1.69 10.25
N GLY A 351 -7.36 0.49 9.99
CA GLY A 351 -7.15 -0.52 11.04
C GLY A 351 -8.18 -1.63 11.17
N THR A 352 -9.24 -1.58 10.34
CA THR A 352 -10.01 -2.82 10.10
C THR A 352 -10.16 -3.09 8.60
N ILE A 353 -10.30 -4.39 8.28
CA ILE A 353 -10.62 -4.78 6.93
C ILE A 353 -12.06 -4.34 6.51
N SER A 354 -13.05 -4.38 7.40
CA SER A 354 -14.38 -3.92 6.98
C SER A 354 -14.38 -2.43 6.59
N GLU A 355 -13.65 -1.63 7.35
CA GLU A 355 -13.52 -0.20 7.06
C GLU A 355 -12.73 0.11 5.78
N ALA A 356 -11.66 -0.65 5.54
CA ALA A 356 -10.84 -0.46 4.35
C ALA A 356 -11.62 -0.73 3.07
N ILE A 357 -12.32 -1.87 3.05
CA ILE A 357 -13.21 -2.25 1.99
C ILE A 357 -14.32 -1.23 1.76
N ALA A 358 -14.96 -0.78 2.84
CA ALA A 358 -15.99 0.25 2.71
C ALA A 358 -15.46 1.52 2.02
N SER A 359 -14.24 1.95 2.40
CA SER A 359 -13.62 3.13 1.77
C SER A 359 -13.26 2.93 0.30
N SER A 360 -12.74 1.75 -0.03
CA SER A 360 -12.54 1.34 -1.43
C SER A 360 -13.85 1.40 -2.21
N LYS A 361 -14.92 0.77 -1.69
CA LYS A 361 -16.23 0.74 -2.41
C LYS A 361 -16.76 2.16 -2.63
N LEU A 362 -16.71 2.98 -1.60
CA LEU A 362 -17.24 4.36 -1.63
C LEU A 362 -16.53 5.17 -2.73
N CYS A 363 -15.20 5.15 -2.68
CA CYS A 363 -14.38 5.84 -3.66
C CYS A 363 -14.67 5.36 -5.08
N MET A 364 -14.66 4.04 -5.31
CA MET A 364 -15.01 3.51 -6.63
C MET A 364 -16.40 3.93 -7.13
N GLU A 365 -17.35 3.97 -6.21
CA GLU A 365 -18.70 4.42 -6.55
C GLU A 365 -18.70 5.86 -7.02
N ASN A 366 -17.76 6.68 -6.53
CA ASN A 366 -17.73 8.06 -7.01
C ASN A 366 -16.70 8.32 -8.10
N GLY A 367 -16.35 7.28 -8.84
CA GLY A 367 -15.50 7.44 -10.01
C GLY A 367 -14.02 7.28 -9.77
N TRP A 368 -13.63 7.07 -8.52
CA TRP A 368 -12.22 6.98 -8.14
C TRP A 368 -11.56 5.64 -8.46
N SER A 369 -10.26 5.67 -8.69
CA SER A 369 -9.45 4.48 -8.57
C SER A 369 -8.95 4.32 -7.14
N VAL A 370 -8.49 3.11 -6.81
CA VAL A 370 -7.88 2.81 -5.53
C VAL A 370 -6.51 2.19 -5.80
N MET A 371 -5.46 2.78 -5.22
CA MET A 371 -4.14 2.18 -5.31
C MET A 371 -3.82 1.58 -3.93
N VAL A 372 -3.82 0.26 -3.84
CA VAL A 372 -3.47 -0.36 -2.53
C VAL A 372 -1.96 -0.19 -2.27
N SER A 373 -1.60 0.08 -1.01
CA SER A 373 -0.24 0.48 -0.69
C SER A 373 0.41 -0.28 0.48
N HIS A 374 1.71 -0.52 0.32
CA HIS A 374 2.62 -0.85 1.42
C HIS A 374 2.82 0.31 2.41
N ARG A 375 3.57 0.02 3.48
CA ARG A 375 4.23 1.06 4.24
C ARG A 375 5.75 0.92 4.10
N SER A 376 6.46 1.92 4.57
CA SER A 376 7.91 1.87 4.52
C SER A 376 8.43 0.75 5.44
N GLY A 377 7.73 0.51 6.56
CA GLY A 377 8.02 -0.56 7.49
C GLY A 377 7.10 -1.71 7.15
N GLU A 378 7.56 -2.61 6.27
CA GLU A 378 6.78 -3.81 5.87
C GLU A 378 7.28 -5.11 6.52
N THR A 379 6.54 -6.20 6.35
CA THR A 379 7.01 -7.50 6.85
C THR A 379 6.85 -8.50 5.68
N GLU A 380 7.06 -9.77 5.98
CA GLU A 380 6.91 -10.87 5.02
C GLU A 380 5.41 -11.14 4.73
N ASP A 381 4.53 -10.44 5.43
CA ASP A 381 3.09 -10.57 5.24
C ASP A 381 2.71 -10.23 3.81
N THR A 382 1.74 -10.94 3.23
CA THR A 382 1.37 -10.69 1.82
C THR A 382 -0.10 -10.32 1.59
N TYR A 383 -0.80 -10.01 2.67
CA TYR A 383 -2.22 -9.65 2.61
C TYR A 383 -2.61 -8.66 1.52
N ILE A 384 -1.83 -7.64 1.29
CA ILE A 384 -2.24 -6.64 0.30
C ILE A 384 -2.23 -7.14 -1.13
N ALA A 385 -1.50 -8.23 -1.37
CA ALA A 385 -1.58 -8.91 -2.67
C ALA A 385 -2.98 -9.46 -2.91
N ASP A 386 -3.45 -10.29 -1.98
CA ASP A 386 -4.85 -10.79 -2.13
C ASP A 386 -5.87 -9.65 -2.10
N LEU A 387 -5.66 -8.66 -1.23
CA LEU A 387 -6.59 -7.52 -1.12
C LEU A 387 -6.69 -6.73 -2.44
N VAL A 388 -5.57 -6.38 -3.06
CA VAL A 388 -5.70 -5.62 -4.33
C VAL A 388 -6.46 -6.39 -5.44
N VAL A 389 -6.23 -7.71 -5.50
CA VAL A 389 -6.95 -8.56 -6.44
C VAL A 389 -8.42 -8.55 -6.11
N ALA A 390 -8.73 -8.74 -4.83
CA ALA A 390 -10.09 -8.88 -4.33
C ALA A 390 -10.91 -7.59 -4.57
N LEU A 391 -10.26 -6.43 -4.42
CA LEU A 391 -10.86 -5.13 -4.80
C LEU A 391 -10.96 -4.90 -6.29
N GLY A 392 -10.10 -5.59 -7.06
CA GLY A 392 -10.05 -5.52 -8.54
C GLY A 392 -9.70 -4.14 -9.05
N SER A 393 -8.80 -3.45 -8.34
CA SER A 393 -8.53 -2.02 -8.52
C SER A 393 -7.57 -1.72 -9.66
N GLY A 394 -6.80 -2.74 -10.03
CA GLY A 394 -5.81 -2.66 -11.09
C GLY A 394 -4.53 -1.90 -10.74
N GLN A 395 -4.42 -1.47 -9.50
CA GLN A 395 -3.28 -0.65 -9.02
C GLN A 395 -2.69 -1.06 -7.68
N ILE A 396 -1.41 -1.40 -7.65
CA ILE A 396 -0.71 -1.61 -6.36
C ILE A 396 0.67 -0.95 -6.29
N LYS A 397 0.96 -0.35 -5.16
CA LYS A 397 2.26 0.24 -4.92
C LYS A 397 2.83 -0.64 -3.78
N THR A 398 3.72 -1.57 -4.10
CA THR A 398 4.30 -2.43 -3.02
C THR A 398 5.80 -2.60 -3.06
N GLY A 399 6.49 -1.63 -3.67
CA GLY A 399 7.95 -1.58 -3.67
C GLY A 399 8.61 -1.74 -5.02
N ALA A 400 9.92 -1.53 -5.06
CA ALA A 400 10.75 -1.98 -6.21
C ALA A 400 10.66 -3.53 -6.27
N PRO A 401 11.07 -4.15 -7.41
CA PRO A 401 11.26 -5.61 -7.39
C PRO A 401 12.57 -6.01 -6.64
N CYS A 402 12.64 -5.63 -5.38
CA CYS A 402 13.86 -5.73 -4.55
C CYS A 402 13.48 -5.61 -3.11
N ARG A 403 14.18 -6.35 -2.23
CA ARG A 403 13.89 -6.57 -0.81
C ARG A 403 12.68 -7.49 -0.58
N GLY A 404 12.86 -8.47 0.28
CA GLY A 404 11.87 -9.58 0.39
C GLY A 404 10.48 -9.15 0.87
N GLU A 405 10.41 -8.07 1.66
CA GLU A 405 9.13 -7.53 2.14
C GLU A 405 8.31 -6.87 0.99
N ARG A 406 8.96 -6.57 -0.14
CA ARG A 406 8.30 -6.16 -1.40
C ARG A 406 8.11 -7.35 -2.31
N THR A 407 9.16 -8.10 -2.57
CA THR A 407 9.04 -9.23 -3.50
C THR A 407 8.03 -10.31 -2.96
N ALA A 408 7.81 -10.39 -1.66
CA ALA A 408 6.81 -11.35 -1.06
C ALA A 408 5.44 -11.03 -1.66
N LYS A 409 5.07 -9.75 -1.75
CA LYS A 409 3.81 -9.37 -2.41
C LYS A 409 3.77 -9.72 -3.88
N LEU A 410 4.83 -9.38 -4.61
CA LEU A 410 4.88 -9.55 -6.06
C LEU A 410 4.77 -11.03 -6.41
N ASN A 411 5.46 -11.87 -5.66
CA ASN A 411 5.38 -13.34 -5.78
C ASN A 411 4.00 -13.89 -5.44
N GLN A 412 3.37 -13.34 -4.41
CA GLN A 412 1.98 -13.77 -4.10
C GLN A 412 1.02 -13.43 -5.26
N LEU A 413 1.23 -12.29 -5.91
CA LEU A 413 0.49 -11.92 -7.10
C LEU A 413 0.74 -12.90 -8.26
N LEU A 414 1.98 -13.39 -8.42
CA LEU A 414 2.24 -14.44 -9.43
C LEU A 414 1.44 -15.73 -9.16
N ARG A 415 1.34 -16.10 -7.88
CA ARG A 415 0.57 -17.27 -7.46
C ARG A 415 -0.92 -17.11 -7.70
N ILE A 416 -1.44 -15.92 -7.39
CA ILE A 416 -2.87 -15.63 -7.62
C ILE A 416 -3.20 -15.73 -9.10
N GLU A 417 -2.37 -15.08 -9.92
CA GLU A 417 -2.50 -15.15 -11.38
C GLU A 417 -2.49 -16.60 -11.88
N GLU A 418 -1.56 -17.41 -11.34
CA GLU A 418 -1.49 -18.79 -11.78
C GLU A 418 -2.82 -19.51 -11.44
N GLU A 419 -3.36 -19.31 -10.24
CA GLU A 419 -4.67 -19.91 -9.88
C GLU A 419 -5.81 -19.47 -10.78
N LEU A 420 -5.81 -18.20 -11.18
CA LEU A 420 -6.87 -17.66 -12.05
C LEU A 420 -6.80 -18.10 -13.51
N GLY A 421 -5.62 -18.49 -13.97
CA GLY A 421 -5.44 -18.99 -15.36
C GLY A 421 -5.31 -17.90 -16.43
N ALA A 422 -5.24 -18.29 -17.71
CA ALA A 422 -4.81 -17.38 -18.80
C ALA A 422 -5.79 -16.26 -19.17
N HIS A 423 -7.07 -16.44 -18.84
CA HIS A 423 -8.09 -15.41 -19.12
C HIS A 423 -8.29 -14.37 -17.97
N ALA A 424 -7.53 -14.51 -16.89
CA ALA A 424 -7.46 -13.55 -15.76
C ALA A 424 -7.15 -12.14 -16.29
N LYS A 425 -7.90 -11.16 -15.81
CA LYS A 425 -7.74 -9.78 -16.26
C LYS A 425 -6.50 -9.15 -15.63
N PHE A 426 -5.75 -8.40 -16.44
CA PHE A 426 -4.59 -7.66 -15.94
C PHE A 426 -4.67 -6.14 -16.23
N GLY A 427 -4.30 -5.36 -15.22
CA GLY A 427 -3.93 -3.97 -15.43
C GLY A 427 -5.06 -3.02 -15.07
N PHE A 428 -4.83 -1.73 -15.28
CA PHE A 428 -5.82 -0.71 -15.02
C PHE A 428 -6.33 -0.28 -16.36
N PRO A 429 -7.63 -0.53 -16.61
CA PRO A 429 -8.18 -0.30 -17.94
C PRO A 429 -7.80 1.05 -18.54
N GLY A 430 -7.82 2.11 -17.74
CA GLY A 430 -7.50 3.46 -18.24
C GLY A 430 -6.07 3.64 -18.73
N TRP A 431 -5.13 2.83 -18.23
CA TRP A 431 -3.73 2.93 -18.64
C TRP A 431 -3.28 1.93 -19.72
N SER A 432 -4.14 0.94 -20.01
CA SER A 432 -3.80 -0.15 -20.95
C SER A 432 -3.89 0.32 -22.42
ZN ZN B . 2.53 9.12 -0.40
ZN ZN C . 8.90 9.22 4.81
S SO4 D . 5.42 5.64 5.06
O1 SO4 D . 4.36 6.38 5.70
O2 SO4 D . 6.55 5.64 6.01
O3 SO4 D . 4.95 4.26 4.81
O4 SO4 D . 5.77 6.22 3.77
C1 EDO E . -2.49 -17.69 -4.06
O1 EDO E . -3.79 -17.86 -3.48
C2 EDO E . -1.59 -18.70 -3.34
O2 EDO E . -1.64 -18.46 -1.94
C1 EDO F . 8.01 -12.63 19.52
O1 EDO F . 8.06 -11.54 20.45
C2 EDO F . 8.27 -13.96 20.25
O2 EDO F . 7.14 -14.37 21.02
C1 EDO G . -12.09 -1.13 -10.86
O1 EDO G . -13.48 -1.30 -10.59
C2 EDO G . -11.70 -1.51 -12.29
O2 EDO G . -10.51 -0.79 -12.62
#